data_6DDI
#
_entry.id   6DDI
#
_cell.length_a   118.010
_cell.length_b   55.851
_cell.length_c   66.613
_cell.angle_alpha   90.000
_cell.angle_beta   94.170
_cell.angle_gamma   90.000
#
_symmetry.space_group_name_H-M   'C 1 2 1'
#
loop_
_entity.id
_entity.type
_entity.pdbx_description
1 polymer 'Bromodomain-containing protein 2'
2 non-polymer 4-{[(2S,4R)-1-acetyl-2-methyl-6-(1H-pyrazol-3-yl)-1,2,3,4-tetrahydroquinolin-4-yl]amino}benzonitrile
3 non-polymer 'SULFATE ION'
4 non-polymer 1,2-ETHANEDIOL
5 non-polymer 'methanesulfonic acid'
6 water water
#
_entity_poly.entity_id   1
_entity_poly.type   'polypeptide(L)'
_entity_poly.pdbx_seq_one_letter_code
;GSHMSNPKKPGRVTNQLQYLHKVVMKALWKHQFAWPFRQPVDAVKLGLPDYHKIIKQPMDMGTIKRRLENNYYWAASECM
QDFNTMFTNCYIYNKPTDDIVLMAQTLEKIFLQKVASMPQEEQELVVTIPKNSHKKGA
;
_entity_poly.pdbx_strand_id   A,B,C
#
# COMPACT_ATOMS: atom_id res chain seq x y z
N GLY A 11 -19.16 -6.77 6.62
CA GLY A 11 -18.22 -6.43 5.57
C GLY A 11 -18.85 -5.99 4.26
N ARG A 12 -18.05 -5.40 3.39
CA ARG A 12 -18.52 -4.91 2.10
C ARG A 12 -17.33 -4.76 1.16
N VAL A 13 -17.64 -4.45 -0.09
CA VAL A 13 -16.62 -4.18 -1.11
C VAL A 13 -16.55 -2.67 -1.32
N THR A 14 -15.35 -2.11 -1.19
CA THR A 14 -15.11 -0.69 -1.45
C THR A 14 -13.93 -0.53 -2.39
N ASN A 15 -13.85 0.64 -3.03
CA ASN A 15 -12.70 0.92 -3.89
C ASN A 15 -11.38 0.76 -3.16
N GLN A 16 -11.30 1.22 -1.91
CA GLN A 16 -10.04 1.16 -1.18
C GLN A 16 -9.71 -0.27 -0.79
N LEU A 17 -10.72 -1.07 -0.44
CA LEU A 17 -10.45 -2.47 -0.11
C LEU A 17 -10.01 -3.24 -1.34
N GLN A 18 -10.61 -2.94 -2.51
CA GLN A 18 -10.16 -3.56 -3.75
C GLN A 18 -8.69 -3.24 -4.01
N TYR A 19 -8.30 -1.99 -3.77
CA TYR A 19 -6.91 -1.59 -3.94
C TYR A 19 -6.00 -2.31 -2.95
N LEU A 20 -6.41 -2.37 -1.68
CA LEU A 20 -5.58 -3.06 -0.68
C LEU A 20 -5.39 -4.53 -1.05
N HIS A 21 -6.42 -5.16 -1.63
CA HIS A 21 -6.32 -6.57 -1.99
C HIS A 21 -5.43 -6.75 -3.21
N LYS A 22 -5.67 -5.98 -4.27
CA LYS A 22 -5.06 -6.25 -5.57
C LYS A 22 -3.75 -5.51 -5.82
N VAL A 23 -3.44 -4.48 -5.02
CA VAL A 23 -2.18 -3.77 -5.12
C VAL A 23 -1.30 -4.04 -3.91
N VAL A 24 -1.83 -3.84 -2.70
CA VAL A 24 -0.99 -3.91 -1.51
C VAL A 24 -0.70 -5.36 -1.13
N MET A 25 -1.74 -6.17 -0.95
CA MET A 25 -1.51 -7.57 -0.60
C MET A 25 -0.76 -8.29 -1.70
N LYS A 26 -1.07 -7.98 -2.96
CA LYS A 26 -0.38 -8.60 -4.08
C LYS A 26 1.12 -8.37 -3.98
N ALA A 27 1.51 -7.12 -3.71
CA ALA A 27 2.95 -6.81 -3.65
C ALA A 27 3.60 -7.48 -2.45
N LEU A 28 2.93 -7.48 -1.29
CA LEU A 28 3.57 -8.02 -0.10
C LEU A 28 3.64 -9.54 -0.12
N TRP A 29 2.58 -10.20 -0.63
CA TRP A 29 2.50 -11.66 -0.53
C TRP A 29 3.63 -12.34 -1.29
N LYS A 30 4.04 -11.77 -2.42
CA LYS A 30 5.02 -12.39 -3.30
C LYS A 30 6.45 -11.97 -2.98
N HIS A 31 6.63 -11.06 -2.02
CA HIS A 31 7.95 -10.54 -1.70
C HIS A 31 8.86 -11.64 -1.12
N GLN A 32 10.16 -11.56 -1.43
CA GLN A 32 11.10 -12.57 -0.92
C GLN A 32 11.20 -12.62 0.60
N PHE A 33 10.78 -11.57 1.31
CA PHE A 33 10.81 -11.58 2.77
C PHE A 33 9.44 -11.91 3.37
N ALA A 34 8.46 -12.25 2.54
CA ALA A 34 7.09 -12.47 3.04
C ALA A 34 6.91 -13.80 3.76
N TRP A 35 7.74 -14.80 3.47
CA TRP A 35 7.43 -16.16 3.92
C TRP A 35 7.17 -16.30 5.44
N PRO A 36 7.86 -15.60 6.35
CA PRO A 36 7.50 -15.78 7.78
C PRO A 36 6.15 -15.23 8.14
N PHE A 37 5.55 -14.41 7.28
CA PHE A 37 4.33 -13.69 7.60
C PHE A 37 3.12 -14.25 6.88
N ARG A 38 3.28 -15.30 6.08
CA ARG A 38 2.16 -15.82 5.29
C ARG A 38 1.19 -16.68 6.08
N GLN A 39 1.58 -17.12 7.27
CA GLN A 39 0.74 -17.95 8.13
C GLN A 39 0.91 -17.42 9.55
N PRO A 40 -0.01 -17.72 10.45
CA PRO A 40 0.18 -17.33 11.86
C PRO A 40 1.50 -17.85 12.40
N VAL A 41 2.08 -17.07 13.31
CA VAL A 41 3.22 -17.53 14.11
C VAL A 41 2.81 -18.83 14.78
N ASP A 42 3.60 -19.90 14.55
CA ASP A 42 3.32 -21.22 15.12
C ASP A 42 4.31 -21.41 16.26
N ALA A 43 3.84 -21.17 17.48
CA ALA A 43 4.72 -21.20 18.65
C ALA A 43 5.26 -22.60 18.95
N VAL A 44 4.56 -23.64 18.52
CA VAL A 44 5.06 -25.01 18.71
C VAL A 44 6.20 -25.27 17.73
N LYS A 45 5.95 -24.99 16.44
CA LYS A 45 6.98 -25.20 15.42
C LYS A 45 8.24 -24.41 15.72
N LEU A 46 8.09 -23.18 16.22
CA LEU A 46 9.24 -22.31 16.47
C LEU A 46 9.81 -22.47 17.86
N GLY A 47 9.17 -23.23 18.74
CA GLY A 47 9.69 -23.37 20.09
C GLY A 47 9.66 -22.08 20.88
N LEU A 48 8.56 -21.33 20.81
CA LEU A 48 8.43 -20.03 21.47
C LEU A 48 7.27 -20.06 22.47
N PRO A 49 7.46 -20.69 23.64
CA PRO A 49 6.33 -20.83 24.56
C PRO A 49 5.86 -19.53 25.19
N ASP A 50 6.61 -18.43 25.05
CA ASP A 50 6.15 -17.14 25.56
C ASP A 50 5.45 -16.29 24.50
N TYR A 51 5.35 -16.76 23.25
CA TYR A 51 4.87 -15.88 22.19
C TYR A 51 3.47 -15.35 22.51
N HIS A 52 2.54 -16.24 22.86
CA HIS A 52 1.17 -15.82 23.13
C HIS A 52 0.99 -15.18 24.50
N LYS A 53 2.01 -15.26 25.36
CA LYS A 53 1.98 -14.50 26.60
C LYS A 53 2.31 -13.03 26.36
N ILE A 54 3.05 -12.73 25.29
CA ILE A 54 3.45 -11.38 24.98
C ILE A 54 2.54 -10.75 23.94
N ILE A 55 2.18 -11.52 22.91
CA ILE A 55 1.42 -11.03 21.77
C ILE A 55 -0.01 -11.52 21.95
N LYS A 56 -0.91 -10.59 22.27
CA LYS A 56 -2.30 -10.95 22.57
C LYS A 56 -3.22 -10.92 21.36
N GLN A 57 -2.82 -10.29 20.25
CA GLN A 57 -3.62 -10.23 19.03
C GLN A 57 -2.73 -10.64 17.86
N PRO A 58 -2.51 -11.93 17.67
CA PRO A 58 -1.68 -12.38 16.54
C PRO A 58 -2.33 -11.98 15.22
N MET A 59 -1.49 -11.70 14.23
CA MET A 59 -1.99 -11.40 12.89
C MET A 59 -0.93 -11.81 11.88
N ASP A 60 -1.37 -12.13 10.67
CA ASP A 60 -0.47 -12.58 9.61
C ASP A 60 -1.15 -12.30 8.28
N MET A 61 -0.35 -12.36 7.20
CA MET A 61 -0.90 -12.02 5.90
C MET A 61 -1.89 -13.04 5.37
N GLY A 62 -1.75 -14.31 5.77
CA GLY A 62 -2.74 -15.30 5.36
C GLY A 62 -4.13 -14.96 5.89
N THR A 63 -4.19 -14.54 7.15
CA THR A 63 -5.47 -14.14 7.74
C THR A 63 -6.02 -12.90 7.06
N ILE A 64 -5.18 -11.89 6.84
CA ILE A 64 -5.64 -10.69 6.15
C ILE A 64 -6.15 -11.03 4.75
N LYS A 65 -5.40 -11.86 4.02
CA LYS A 65 -5.80 -12.21 2.66
C LYS A 65 -7.13 -12.96 2.64
N ARG A 66 -7.33 -13.88 3.57
CA ARG A 66 -8.62 -14.56 3.63
C ARG A 66 -9.74 -13.58 3.97
N ARG A 67 -9.46 -12.63 4.86
CA ARG A 67 -10.48 -11.63 5.18
C ARG A 67 -10.85 -10.79 3.96
N LEU A 68 -9.86 -10.42 3.15
CA LEU A 68 -10.13 -9.68 1.94
C LEU A 68 -10.93 -10.52 0.94
N GLU A 69 -10.52 -11.79 0.77
CA GLU A 69 -11.23 -12.67 -0.15
C GLU A 69 -12.68 -12.88 0.26
N ASN A 70 -12.96 -12.90 1.56
CA ASN A 70 -14.29 -13.19 2.09
C ASN A 70 -15.10 -11.94 2.42
N ASN A 71 -14.61 -10.76 2.04
CA ASN A 71 -15.35 -9.51 2.26
C ASN A 71 -15.66 -9.30 3.74
N TYR A 72 -14.67 -9.59 4.58
CA TYR A 72 -14.82 -9.45 6.02
C TYR A 72 -14.78 -8.00 6.48
N TYR A 73 -13.97 -7.18 5.83
CA TYR A 73 -13.78 -5.81 6.27
C TYR A 73 -14.91 -4.92 5.79
N TRP A 74 -15.30 -3.98 6.66
CA TRP A 74 -16.25 -2.95 6.30
C TRP A 74 -15.57 -1.70 5.72
N ALA A 75 -14.33 -1.43 6.11
CA ALA A 75 -13.60 -0.26 5.65
C ALA A 75 -12.14 -0.59 5.49
N ALA A 76 -11.49 0.13 4.57
CA ALA A 76 -10.07 -0.12 4.34
C ALA A 76 -9.24 0.13 5.59
N SER A 77 -9.63 1.08 6.44
CA SER A 77 -8.86 1.32 7.65
C SER A 77 -8.78 0.07 8.53
N GLU A 78 -9.83 -0.76 8.54
CA GLU A 78 -9.79 -1.99 9.33
C GLU A 78 -8.71 -2.95 8.84
N CYS A 79 -8.59 -3.06 7.52
CA CYS A 79 -7.55 -3.90 6.94
C CYS A 79 -6.17 -3.32 7.21
N MET A 80 -6.03 -2.00 7.07
CA MET A 80 -4.76 -1.35 7.39
C MET A 80 -4.35 -1.61 8.83
N GLN A 81 -5.30 -1.61 9.77
CA GLN A 81 -4.97 -1.88 11.17
C GLN A 81 -4.45 -3.31 11.36
N ASP A 82 -5.00 -4.27 10.61
CA ASP A 82 -4.49 -5.64 10.72
C ASP A 82 -3.05 -5.74 10.20
N PHE A 83 -2.74 -5.11 9.05
CA PHE A 83 -1.35 -5.07 8.62
C PHE A 83 -0.47 -4.47 9.71
N ASN A 84 -0.93 -3.35 10.27
CA ASN A 84 -0.14 -2.69 11.30
C ASN A 84 0.08 -3.60 12.51
N THR A 85 -0.96 -4.30 12.96
CA THR A 85 -0.81 -5.20 14.08
C THR A 85 0.19 -6.32 13.78
N MET A 86 0.14 -6.88 12.57
CA MET A 86 1.11 -7.89 12.19
C MET A 86 2.54 -7.38 12.35
N PHE A 87 2.84 -6.19 11.81
CA PHE A 87 4.20 -5.67 11.91
C PHE A 87 4.55 -5.29 13.34
N THR A 88 3.63 -4.62 14.06
CA THR A 88 3.93 -4.21 15.42
C THR A 88 4.19 -5.41 16.33
N ASN A 89 3.43 -6.49 16.16
CA ASN A 89 3.69 -7.69 16.97
C ASN A 89 5.12 -8.18 16.76
N CYS A 90 5.59 -8.12 15.51
CA CYS A 90 6.94 -8.56 15.21
C CYS A 90 7.97 -7.70 15.93
N TYR A 91 7.80 -6.37 15.88
CA TYR A 91 8.77 -5.49 16.54
C TYR A 91 8.75 -5.65 18.06
N ILE A 92 7.55 -5.88 18.63
CA ILE A 92 7.43 -6.01 20.07
C ILE A 92 8.06 -7.30 20.56
N TYR A 93 7.76 -8.41 19.87
CA TYR A 93 8.17 -9.71 20.39
C TYR A 93 9.66 -9.99 20.19
N ASN A 94 10.20 -9.66 19.02
CA ASN A 94 11.52 -10.14 18.67
C ASN A 94 12.63 -9.24 19.23
N LYS A 95 13.85 -9.76 19.23
CA LYS A 95 14.99 -8.96 19.66
C LYS A 95 15.30 -7.90 18.61
N PRO A 96 15.82 -6.74 19.03
CA PRO A 96 16.09 -5.66 18.06
C PRO A 96 17.00 -6.08 16.93
N THR A 97 17.91 -7.00 17.18
CA THR A 97 18.89 -7.38 16.18
C THR A 97 18.46 -8.60 15.37
N ASP A 98 17.26 -9.11 15.59
CA ASP A 98 16.81 -10.27 14.84
C ASP A 98 16.54 -9.89 13.39
N ASP A 99 16.93 -10.77 12.46
CA ASP A 99 16.71 -10.49 11.05
C ASP A 99 15.23 -10.31 10.72
N ILE A 100 14.34 -10.99 11.45
CA ILE A 100 12.90 -10.86 11.16
C ILE A 100 12.44 -9.40 11.28
N VAL A 101 13.07 -8.62 12.16
CA VAL A 101 12.73 -7.21 12.28
C VAL A 101 13.05 -6.45 10.99
N LEU A 102 14.22 -6.72 10.39
CA LEU A 102 14.57 -6.11 9.11
C LEU A 102 13.60 -6.52 8.02
N MET A 103 13.20 -7.79 8.03
CA MET A 103 12.24 -8.27 7.03
C MET A 103 10.91 -7.54 7.17
N ALA A 104 10.40 -7.43 8.41
CA ALA A 104 9.17 -6.68 8.64
C ALA A 104 9.32 -5.23 8.21
N GLN A 105 10.44 -4.58 8.53
CA GLN A 105 10.65 -3.19 8.15
C GLN A 105 10.59 -3.03 6.63
N THR A 106 11.20 -3.96 5.89
CA THR A 106 11.19 -3.86 4.43
C THR A 106 9.78 -3.97 3.89
N LEU A 107 9.01 -4.94 4.38
CA LEU A 107 7.64 -5.11 3.93
C LEU A 107 6.77 -3.92 4.32
N GLU A 108 6.98 -3.41 5.54
CA GLU A 108 6.14 -2.31 5.99
C GLU A 108 6.39 -1.05 5.19
N LYS A 109 7.63 -0.82 4.73
CA LYS A 109 7.88 0.35 3.89
C LYS A 109 7.12 0.25 2.59
N ILE A 110 7.04 -0.95 1.99
CA ILE A 110 6.25 -1.13 0.79
C ILE A 110 4.77 -0.88 1.08
N PHE A 111 4.28 -1.44 2.19
CA PHE A 111 2.91 -1.20 2.61
C PHE A 111 2.61 0.30 2.64
N LEU A 112 3.46 1.09 3.30
CA LEU A 112 3.19 2.52 3.42
C LEU A 112 3.26 3.22 2.07
N GLN A 113 4.24 2.83 1.23
CA GLN A 113 4.34 3.43 -0.10
C GLN A 113 3.08 3.18 -0.89
N LYS A 114 2.53 1.97 -0.81
CA LYS A 114 1.33 1.67 -1.58
C LYS A 114 0.10 2.35 -0.98
N VAL A 115 0.00 2.39 0.36
CA VAL A 115 -1.12 3.07 1.01
C VAL A 115 -1.17 4.55 0.65
N ALA A 116 -0.01 5.17 0.41
CA ALA A 116 0.03 6.59 0.07
C ALA A 116 -0.67 6.88 -1.25
N SER A 117 -0.85 5.87 -2.11
CA SER A 117 -1.52 6.04 -3.40
C SER A 117 -2.89 5.40 -3.47
N MET A 118 -3.46 5.00 -2.34
CA MET A 118 -4.82 4.43 -2.31
C MET A 118 -5.83 5.51 -2.69
N PRO A 119 -6.95 5.13 -3.34
CA PRO A 119 -8.00 6.11 -3.63
C PRO A 119 -8.43 6.86 -2.38
N GLN A 120 -8.77 8.14 -2.53
CA GLN A 120 -8.87 9.05 -1.39
C GLN A 120 -10.17 8.88 -0.61
N GLU A 121 -11.31 8.95 -1.31
CA GLU A 121 -12.62 8.83 -0.70
C GLU A 121 -13.12 7.39 -0.85
N GLU A 122 -13.51 6.77 0.26
CA GLU A 122 -13.95 5.39 0.22
C GLU A 122 -15.40 5.31 -0.25
N GLN A 123 -15.65 4.51 -1.28
CA GLN A 123 -16.97 4.34 -1.86
C GLN A 123 -17.26 2.86 -1.96
N GLU A 124 -18.45 2.46 -1.52
CA GLU A 124 -18.89 1.08 -1.67
C GLU A 124 -19.15 0.78 -3.14
N LEU A 125 -18.71 -0.39 -3.59
CA LEU A 125 -18.89 -0.79 -4.98
C LEU A 125 -20.20 -1.57 -5.16
N THR B 14 2.94 19.55 -1.57
CA THR B 14 1.80 18.90 -2.19
C THR B 14 0.57 18.94 -1.26
N ASN B 15 -0.59 18.69 -1.87
CA ASN B 15 -1.83 18.53 -1.12
C ASN B 15 -1.70 17.43 -0.06
N GLN B 16 -0.98 16.37 -0.39
CA GLN B 16 -0.83 15.27 0.57
C GLN B 16 -0.03 15.70 1.77
N LEU B 17 1.09 16.40 1.53
CA LEU B 17 1.93 16.86 2.63
C LEU B 17 1.20 17.87 3.50
N GLN B 18 0.41 18.78 2.89
CA GLN B 18 -0.39 19.70 3.69
C GLN B 18 -1.37 18.95 4.58
N TYR B 19 -1.97 17.87 4.05
CA TYR B 19 -2.84 17.02 4.84
C TYR B 19 -2.07 16.33 5.97
N LEU B 20 -0.87 15.82 5.69
CA LEU B 20 -0.10 15.20 6.76
C LEU B 20 0.26 16.20 7.85
N HIS B 21 0.44 17.47 7.49
CA HIS B 21 0.83 18.48 8.46
C HIS B 21 -0.40 18.98 9.24
N LYS B 22 -1.43 19.43 8.51
CA LYS B 22 -2.55 20.14 9.10
C LYS B 22 -3.62 19.23 9.67
N VAL B 23 -3.72 17.98 9.19
CA VAL B 23 -4.72 17.03 9.67
C VAL B 23 -4.09 15.92 10.50
N VAL B 24 -3.14 15.19 9.91
CA VAL B 24 -2.60 14.03 10.60
C VAL B 24 -1.74 14.45 11.78
N MET B 25 -0.75 15.30 11.53
CA MET B 25 0.15 15.69 12.63
C MET B 25 -0.58 16.46 13.71
N LYS B 26 -1.52 17.33 13.33
CA LYS B 26 -2.28 18.09 14.31
C LYS B 26 -3.06 17.16 15.25
N ALA B 27 -3.70 16.13 14.69
CA ALA B 27 -4.47 15.20 15.53
C ALA B 27 -3.56 14.42 16.47
N LEU B 28 -2.43 13.95 15.96
CA LEU B 28 -1.52 13.20 16.82
C LEU B 28 -0.93 14.11 17.90
N TRP B 29 -0.50 15.31 17.51
CA TRP B 29 0.32 16.13 18.39
C TRP B 29 -0.40 16.49 19.68
N LYS B 30 -1.69 16.80 19.60
CA LYS B 30 -2.45 17.27 20.76
C LYS B 30 -2.99 16.14 21.61
N HIS B 31 -2.77 14.90 21.20
CA HIS B 31 -3.33 13.77 21.93
C HIS B 31 -2.68 13.65 23.30
N GLN B 32 -3.46 13.17 24.27
CA GLN B 32 -2.95 13.02 25.64
C GLN B 32 -1.77 12.06 25.76
N PHE B 33 -1.56 11.16 24.79
CA PHE B 33 -0.44 10.25 24.85
C PHE B 33 0.76 10.72 24.03
N ALA B 34 0.70 11.92 23.45
CA ALA B 34 1.73 12.35 22.50
C ALA B 34 2.96 12.96 23.17
N TRP B 35 2.88 13.41 24.42
CA TRP B 35 4.01 14.11 25.05
C TRP B 35 5.36 13.40 24.94
N PRO B 36 5.48 12.06 25.00
CA PRO B 36 6.82 11.46 24.86
C PRO B 36 7.38 11.56 23.47
N PHE B 37 6.56 11.89 22.48
CA PHE B 37 6.92 11.78 21.07
C PHE B 37 7.12 13.11 20.38
N ARG B 38 6.95 14.23 21.09
CA ARG B 38 7.01 15.53 20.43
C ARG B 38 8.41 16.08 20.27
N GLN B 39 9.41 15.39 20.80
CA GLN B 39 10.79 15.82 20.72
C GLN B 39 11.65 14.57 20.76
N PRO B 40 12.90 14.65 20.33
CA PRO B 40 13.77 13.47 20.35
C PRO B 40 13.89 12.87 21.74
N VAL B 41 14.02 11.53 21.76
CA VAL B 41 14.36 10.83 23.00
C VAL B 41 15.66 11.41 23.52
N ASP B 42 15.66 11.86 24.78
CA ASP B 42 16.87 12.35 25.44
C ASP B 42 17.39 11.22 26.32
N ALA B 43 18.34 10.45 25.77
CA ALA B 43 18.79 9.25 26.45
C ALA B 43 19.57 9.58 27.72
N VAL B 44 20.23 10.72 27.76
CA VAL B 44 20.95 11.11 28.96
C VAL B 44 19.98 11.47 30.09
N LYS B 45 18.98 12.29 29.78
CA LYS B 45 18.00 12.68 30.80
C LYS B 45 17.21 11.48 31.28
N LEU B 46 16.87 10.56 30.38
CA LEU B 46 16.10 9.38 30.75
C LEU B 46 16.95 8.29 31.38
N GLY B 47 18.27 8.43 31.40
CA GLY B 47 19.11 7.39 31.95
C GLY B 47 19.09 6.10 31.16
N LEU B 48 19.12 6.19 29.83
CA LEU B 48 19.04 5.04 28.92
C LEU B 48 20.31 5.00 28.08
N PRO B 49 21.43 4.54 28.65
CA PRO B 49 22.72 4.60 27.94
C PRO B 49 22.79 3.73 26.70
N ASP B 50 21.91 2.74 26.55
CA ASP B 50 21.93 1.89 25.38
C ASP B 50 20.98 2.34 24.28
N TYR B 51 20.22 3.43 24.49
CA TYR B 51 19.18 3.78 23.53
C TYR B 51 19.76 3.90 22.12
N HIS B 52 20.86 4.66 21.97
CA HIS B 52 21.40 4.88 20.64
C HIS B 52 22.25 3.73 20.13
N LYS B 53 22.57 2.75 20.99
CA LYS B 53 23.17 1.52 20.53
C LYS B 53 22.15 0.62 19.86
N ILE B 54 20.90 0.72 20.27
CA ILE B 54 19.83 -0.10 19.72
C ILE B 54 19.10 0.62 18.58
N ILE B 55 18.83 1.90 18.76
CA ILE B 55 18.04 2.69 17.83
C ILE B 55 19.02 3.54 17.02
N LYS B 56 19.19 3.18 15.76
CA LYS B 56 20.20 3.82 14.92
C LYS B 56 19.63 4.98 14.11
N GLN B 57 18.31 5.07 13.98
CA GLN B 57 17.66 6.16 13.28
C GLN B 57 16.59 6.78 14.16
N PRO B 58 16.97 7.59 15.14
CA PRO B 58 15.98 8.25 16.00
C PRO B 58 15.02 9.09 15.18
N MET B 59 13.77 9.16 15.63
CA MET B 59 12.75 9.98 14.99
C MET B 59 11.71 10.38 16.01
N ASP B 60 11.10 11.55 15.79
CA ASP B 60 10.09 12.06 16.70
C ASP B 60 9.21 13.03 15.91
N MET B 61 8.06 13.37 16.49
CA MET B 61 7.14 14.28 15.82
C MET B 61 7.69 15.67 15.59
N GLY B 62 8.48 16.20 16.52
CA GLY B 62 9.01 17.54 16.33
C GLY B 62 9.91 17.61 15.10
N THR B 63 10.71 16.56 14.89
CA THR B 63 11.55 16.50 13.70
C THR B 63 10.71 16.42 12.44
N ILE B 64 9.67 15.58 12.43
CA ILE B 64 8.79 15.46 11.28
C ILE B 64 8.10 16.79 10.99
N LYS B 65 7.60 17.44 12.04
CA LYS B 65 6.90 18.70 11.86
C LYS B 65 7.82 19.76 11.27
N ARG B 66 9.06 19.83 11.78
CA ARG B 66 10.02 20.79 11.22
C ARG B 66 10.31 20.48 9.75
N ARG B 67 10.47 19.21 9.43
CA ARG B 67 10.65 18.82 8.03
C ARG B 67 9.46 19.23 7.15
N LEU B 68 8.23 19.04 7.66
CA LEU B 68 7.07 19.51 6.90
C LEU B 68 7.11 21.02 6.69
N GLU B 69 7.45 21.76 7.74
CA GLU B 69 7.45 23.23 7.66
C GLU B 69 8.53 23.74 6.73
N ASN B 70 9.64 23.01 6.60
CA ASN B 70 10.78 23.45 5.80
C ASN B 70 10.78 22.85 4.40
N ASN B 71 9.67 22.25 3.97
CA ASN B 71 9.56 21.65 2.65
C ASN B 71 10.68 20.65 2.39
N TYR B 72 10.97 19.83 3.40
CA TYR B 72 12.01 18.83 3.27
C TYR B 72 11.55 17.66 2.42
N TYR B 73 10.28 17.26 2.56
CA TYR B 73 9.80 16.03 1.94
C TYR B 73 9.46 16.25 0.48
N TRP B 74 9.82 15.25 -0.34
CA TRP B 74 9.47 15.26 -1.74
C TRP B 74 8.19 14.50 -2.03
N ALA B 75 7.77 13.61 -1.12
CA ALA B 75 6.56 12.82 -1.33
C ALA B 75 5.96 12.49 0.02
N ALA B 76 4.62 12.30 0.02
CA ALA B 76 3.90 11.92 1.23
C ALA B 76 4.45 10.65 1.85
N SER B 77 4.78 9.65 1.01
CA SER B 77 5.29 8.39 1.55
C SER B 77 6.56 8.60 2.37
N GLU B 78 7.41 9.57 1.99
CA GLU B 78 8.62 9.83 2.76
C GLU B 78 8.30 10.30 4.17
N CYS B 79 7.31 11.19 4.29
CA CYS B 79 6.87 11.63 5.60
C CYS B 79 6.25 10.47 6.39
N MET B 80 5.40 9.68 5.73
CA MET B 80 4.81 8.50 6.39
C MET B 80 5.90 7.57 6.90
N GLN B 81 6.99 7.41 6.12
CA GLN B 81 8.07 6.53 6.58
C GLN B 81 8.68 7.04 7.87
N ASP B 82 8.77 8.38 8.02
CA ASP B 82 9.33 8.90 9.27
C ASP B 82 8.40 8.63 10.45
N PHE B 83 7.08 8.83 10.27
CA PHE B 83 6.15 8.45 11.34
C PHE B 83 6.36 7.00 11.73
N ASN B 84 6.47 6.13 10.72
CA ASN B 84 6.64 4.70 10.97
C ASN B 84 7.93 4.42 11.74
N THR B 85 9.03 5.08 11.35
CA THR B 85 10.28 4.88 12.07
C THR B 85 10.12 5.27 13.55
N MET B 86 9.48 6.41 13.81
CA MET B 86 9.26 6.82 15.21
C MET B 86 8.56 5.72 15.99
N PHE B 87 7.45 5.19 15.44
CA PHE B 87 6.70 4.17 16.18
C PHE B 87 7.48 2.87 16.29
N THR B 88 8.08 2.42 15.19
CA THR B 88 8.87 1.20 15.21
C THR B 88 10.01 1.27 16.22
N ASN B 89 10.72 2.41 16.30
CA ASN B 89 11.78 2.53 17.29
C ASN B 89 11.24 2.27 18.69
N CYS B 90 10.03 2.79 18.97
CA CYS B 90 9.47 2.64 20.31
C CYS B 90 9.20 1.16 20.60
N TYR B 91 8.65 0.44 19.64
CA TYR B 91 8.37 -0.99 19.84
C TYR B 91 9.65 -1.81 19.96
N ILE B 92 10.66 -1.47 19.18
CA ILE B 92 11.91 -2.23 19.20
C ILE B 92 12.64 -2.03 20.53
N TYR B 93 12.71 -0.79 21.02
CA TYR B 93 13.55 -0.51 22.18
C TYR B 93 12.90 -0.92 23.50
N ASN B 94 11.62 -0.62 23.69
CA ASN B 94 11.03 -0.71 25.01
C ASN B 94 10.55 -2.14 25.32
N LYS B 95 10.27 -2.37 26.61
CA LYS B 95 9.74 -3.67 26.99
C LYS B 95 8.30 -3.80 26.53
N PRO B 96 7.87 -5.01 26.13
CA PRO B 96 6.51 -5.15 25.60
C PRO B 96 5.43 -4.66 26.55
N THR B 97 5.66 -4.78 27.85
CA THR B 97 4.65 -4.39 28.82
C THR B 97 4.73 -2.93 29.23
N ASP B 98 5.66 -2.15 28.68
CA ASP B 98 5.77 -0.74 29.08
C ASP B 98 4.57 0.05 28.56
N ASP B 99 4.14 1.05 29.37
CA ASP B 99 3.01 1.89 28.96
C ASP B 99 3.32 2.64 27.68
N ILE B 100 4.59 2.99 27.45
CA ILE B 100 4.94 3.76 26.25
C ILE B 100 4.55 2.98 25.00
N VAL B 101 4.61 1.65 25.03
CA VAL B 101 4.26 0.83 23.87
C VAL B 101 2.76 0.96 23.58
N LEU B 102 1.93 0.92 24.63
CA LEU B 102 0.49 1.15 24.46
C LEU B 102 0.21 2.57 23.96
N MET B 103 1.00 3.56 24.42
CA MET B 103 0.80 4.92 23.96
C MET B 103 1.13 5.03 22.47
N ALA B 104 2.23 4.42 22.05
CA ALA B 104 2.58 4.42 20.63
C ALA B 104 1.52 3.69 19.80
N GLN B 105 1.03 2.54 20.31
CA GLN B 105 0.03 1.79 19.53
C GLN B 105 -1.21 2.65 19.30
N THR B 106 -1.63 3.40 20.33
CA THR B 106 -2.82 4.22 20.22
C THR B 106 -2.62 5.32 19.19
N LEU B 107 -1.47 5.98 19.25
CA LEU B 107 -1.19 7.04 18.26
C LEU B 107 -1.05 6.49 16.86
N GLU B 108 -0.42 5.32 16.72
CA GLU B 108 -0.22 4.76 15.39
C GLU B 108 -1.56 4.39 14.76
N LYS B 109 -2.53 3.94 15.58
CA LYS B 109 -3.83 3.62 15.01
C LYS B 109 -4.51 4.87 14.49
N ILE B 110 -4.39 5.98 15.23
CA ILE B 110 -4.93 7.25 14.74
C ILE B 110 -4.24 7.67 13.45
N PHE B 111 -2.90 7.55 13.41
CA PHE B 111 -2.14 7.86 12.21
C PHE B 111 -2.72 7.12 11.00
N LEU B 112 -2.91 5.81 11.12
CA LEU B 112 -3.42 5.04 9.99
C LEU B 112 -4.83 5.41 9.63
N GLN B 113 -5.70 5.66 10.63
CA GLN B 113 -7.07 6.08 10.34
C GLN B 113 -7.08 7.35 9.52
N LYS B 114 -6.25 8.33 9.89
CA LYS B 114 -6.23 9.60 9.16
C LYS B 114 -5.58 9.45 7.80
N VAL B 115 -4.56 8.59 7.70
CA VAL B 115 -3.91 8.36 6.40
C VAL B 115 -4.88 7.74 5.40
N ALA B 116 -5.85 6.94 5.88
CA ALA B 116 -6.80 6.31 4.97
C ALA B 116 -7.62 7.33 4.20
N SER B 117 -7.70 8.57 4.68
CA SER B 117 -8.46 9.63 4.03
C SER B 117 -7.59 10.71 3.41
N MET B 118 -6.29 10.46 3.30
CA MET B 118 -5.41 11.42 2.65
C MET B 118 -5.80 11.57 1.18
N PRO B 119 -5.82 12.78 0.64
CA PRO B 119 -6.17 12.95 -0.78
C PRO B 119 -5.11 12.30 -1.67
N GLN B 120 -5.53 11.82 -2.84
CA GLN B 120 -4.59 11.14 -3.72
C GLN B 120 -3.96 12.15 -4.68
N THR C 14 7.54 -6.11 -36.70
CA THR C 14 7.85 -4.84 -37.35
C THR C 14 8.41 -3.82 -36.37
N ASN C 15 9.03 -2.76 -36.91
CA ASN C 15 9.52 -1.69 -36.06
C ASN C 15 8.38 -1.07 -35.25
N GLN C 16 7.21 -0.88 -35.86
CA GLN C 16 6.08 -0.29 -35.13
C GLN C 16 5.62 -1.18 -33.99
N LEU C 17 5.51 -2.50 -34.24
CA LEU C 17 5.04 -3.38 -33.18
C LEU C 17 6.08 -3.50 -32.08
N GLN C 18 7.37 -3.51 -32.46
CA GLN C 18 8.42 -3.46 -31.44
C GLN C 18 8.28 -2.23 -30.58
N TYR C 19 7.97 -1.08 -31.18
CA TYR C 19 7.78 0.14 -30.41
C TYR C 19 6.57 0.03 -29.50
N LEU C 20 5.46 -0.51 -30.01
CA LEU C 20 4.29 -0.70 -29.16
C LEU C 20 4.59 -1.61 -27.99
N HIS C 21 5.46 -2.60 -28.18
CA HIS C 21 5.79 -3.50 -27.09
C HIS C 21 6.79 -2.88 -26.13
N LYS C 22 7.93 -2.42 -26.66
CA LYS C 22 9.05 -2.04 -25.81
C LYS C 22 8.96 -0.62 -25.28
N VAL C 23 8.13 0.22 -25.87
CA VAL C 23 7.95 1.60 -25.41
C VAL C 23 6.56 1.81 -24.82
N VAL C 24 5.51 1.52 -25.59
CA VAL C 24 4.15 1.84 -25.16
C VAL C 24 3.71 0.89 -24.05
N MET C 25 3.71 -0.42 -24.32
CA MET C 25 3.27 -1.36 -23.30
C MET C 25 4.16 -1.31 -22.06
N LYS C 26 5.46 -1.11 -22.26
CA LYS C 26 6.36 -1.02 -21.11
C LYS C 26 5.94 0.10 -20.17
N ALA C 27 5.57 1.26 -20.73
CA ALA C 27 5.17 2.39 -19.90
C ALA C 27 3.82 2.13 -19.24
N LEU C 28 2.88 1.56 -19.99
CA LEU C 28 1.54 1.41 -19.44
C LEU C 28 1.47 0.29 -18.41
N TRP C 29 2.18 -0.81 -18.66
CA TRP C 29 2.09 -1.98 -17.79
C TRP C 29 2.50 -1.67 -16.36
N LYS C 30 3.52 -0.83 -16.20
CA LYS C 30 4.11 -0.52 -14.90
C LYS C 30 3.43 0.67 -14.22
N HIS C 31 2.47 1.30 -14.88
CA HIS C 31 1.89 2.52 -14.36
C HIS C 31 1.03 2.21 -13.13
N GLN C 32 0.99 3.15 -12.18
CA GLN C 32 0.25 2.92 -10.94
C GLN C 32 -1.23 2.65 -11.16
N PHE C 33 -1.78 3.02 -12.31
CA PHE C 33 -3.19 2.79 -12.62
C PHE C 33 -3.42 1.57 -13.51
N ALA C 34 -2.37 0.81 -13.83
CA ALA C 34 -2.51 -0.35 -14.73
C ALA C 34 -3.25 -1.52 -14.09
N TRP C 35 -3.22 -1.66 -12.77
CA TRP C 35 -3.64 -2.91 -12.14
C TRP C 35 -5.01 -3.46 -12.57
N PRO C 36 -6.07 -2.66 -12.72
CA PRO C 36 -7.35 -3.27 -13.13
C PRO C 36 -7.34 -3.77 -14.55
N PHE C 37 -6.37 -3.35 -15.35
CA PHE C 37 -6.34 -3.66 -16.78
C PHE C 37 -5.37 -4.78 -17.12
N ARG C 38 -4.67 -5.34 -16.13
CA ARG C 38 -3.61 -6.31 -16.40
C ARG C 38 -4.14 -7.71 -16.68
N GLN C 39 -5.44 -7.93 -16.53
CA GLN C 39 -6.07 -9.22 -16.75
C GLN C 39 -7.49 -8.96 -17.23
N PRO C 40 -8.13 -9.92 -17.90
CA PRO C 40 -9.52 -9.72 -18.31
C PRO C 40 -10.42 -9.39 -17.13
N VAL C 41 -11.49 -8.64 -17.42
CA VAL C 41 -12.57 -8.46 -16.45
C VAL C 41 -13.14 -9.84 -16.12
N ASP C 42 -13.11 -10.19 -14.84
CA ASP C 42 -13.73 -11.44 -14.36
C ASP C 42 -15.07 -11.05 -13.76
N ALA C 43 -16.11 -11.12 -14.60
CA ALA C 43 -17.42 -10.64 -14.20
C ALA C 43 -18.02 -11.45 -13.06
N VAL C 44 -17.66 -12.73 -12.98
CA VAL C 44 -18.13 -13.53 -11.85
C VAL C 44 -17.46 -13.06 -10.56
N LYS C 45 -16.14 -12.97 -10.57
CA LYS C 45 -15.42 -12.66 -9.34
C LYS C 45 -15.67 -11.23 -8.88
N LEU C 46 -15.90 -10.32 -9.83
CA LEU C 46 -16.22 -8.94 -9.50
C LEU C 46 -17.70 -8.73 -9.18
N GLY C 47 -18.54 -9.73 -9.39
CA GLY C 47 -19.96 -9.56 -9.11
C GLY C 47 -20.68 -8.63 -10.05
N LEU C 48 -20.41 -8.73 -11.35
CA LEU C 48 -20.97 -7.86 -12.38
C LEU C 48 -21.69 -8.72 -13.42
N PRO C 49 -22.85 -9.28 -13.08
CA PRO C 49 -23.51 -10.23 -13.99
C PRO C 49 -23.92 -9.64 -15.32
N ASP C 50 -24.01 -8.33 -15.45
CA ASP C 50 -24.41 -7.73 -16.71
C ASP C 50 -23.24 -7.34 -17.58
N TYR C 51 -22.00 -7.57 -17.13
CA TYR C 51 -20.85 -7.06 -17.87
C TYR C 51 -20.86 -7.52 -19.31
N HIS C 52 -21.01 -8.82 -19.53
CA HIS C 52 -20.95 -9.36 -20.88
C HIS C 52 -22.26 -9.22 -21.64
N LYS C 53 -23.31 -8.70 -20.99
CA LYS C 53 -24.49 -8.29 -21.73
C LYS C 53 -24.28 -6.94 -22.39
N ILE C 54 -23.45 -6.09 -21.78
CA ILE C 54 -23.20 -4.74 -22.27
C ILE C 54 -21.96 -4.67 -23.15
N ILE C 55 -20.88 -5.35 -22.75
CA ILE C 55 -19.61 -5.29 -23.46
C ILE C 55 -19.49 -6.54 -24.33
N LYS C 56 -19.35 -6.33 -25.64
CA LYS C 56 -19.38 -7.43 -26.59
C LYS C 56 -18.01 -8.00 -26.89
N GLN C 57 -16.96 -7.18 -26.80
CA GLN C 57 -15.61 -7.60 -27.15
C GLN C 57 -14.67 -7.20 -26.01
N PRO C 58 -14.56 -8.02 -24.98
CA PRO C 58 -13.65 -7.70 -23.87
C PRO C 58 -12.22 -7.60 -24.35
N MET C 59 -11.45 -6.74 -23.66
CA MET C 59 -10.03 -6.64 -23.95
C MET C 59 -9.33 -6.12 -22.70
N ASP C 60 -8.05 -6.48 -22.57
CA ASP C 60 -7.24 -6.05 -21.44
C ASP C 60 -5.77 -6.03 -21.83
N MET C 61 -4.95 -5.43 -20.98
CA MET C 61 -3.52 -5.28 -21.27
C MET C 61 -2.78 -6.59 -21.14
N GLY C 62 -3.24 -7.51 -20.28
CA GLY C 62 -2.58 -8.81 -20.22
C GLY C 62 -2.68 -9.53 -21.54
N THR C 63 -3.86 -9.50 -22.15
CA THR C 63 -4.04 -10.09 -23.47
C THR C 63 -3.18 -9.39 -24.51
N ILE C 64 -3.19 -8.05 -24.52
CA ILE C 64 -2.38 -7.32 -25.50
C ILE C 64 -0.90 -7.65 -25.32
N LYS C 65 -0.43 -7.63 -24.07
CA LYS C 65 0.97 -7.93 -23.80
C LYS C 65 1.35 -9.32 -24.29
N ARG C 66 0.49 -10.31 -24.03
CA ARG C 66 0.76 -11.67 -24.49
C ARG C 66 0.80 -11.70 -26.01
N ARG C 67 -0.14 -10.99 -26.65
CA ARG C 67 -0.15 -10.94 -28.12
C ARG C 67 1.12 -10.31 -28.67
N LEU C 68 1.62 -9.24 -28.03
CA LEU C 68 2.87 -8.65 -28.50
C LEU C 68 4.02 -9.62 -28.31
N GLU C 69 4.08 -10.29 -27.14
CA GLU C 69 5.18 -11.22 -26.87
C GLU C 69 5.19 -12.38 -27.84
N ASN C 70 4.01 -12.79 -28.31
CA ASN C 70 3.88 -13.98 -29.13
C ASN C 70 3.68 -13.68 -30.60
N ASN C 71 3.89 -12.43 -31.02
CA ASN C 71 3.88 -12.09 -32.44
C ASN C 71 2.51 -12.27 -33.07
N TYR C 72 1.45 -12.10 -32.28
CA TYR C 72 0.09 -12.27 -32.77
C TYR C 72 -0.27 -11.25 -33.85
N TYR C 73 0.12 -9.99 -33.69
CA TYR C 73 -0.39 -8.96 -34.58
C TYR C 73 0.36 -8.89 -35.90
N TRP C 74 -0.34 -8.49 -36.95
CA TRP C 74 0.26 -8.19 -38.26
C TRP C 74 0.56 -6.73 -38.48
N ALA C 75 -0.15 -5.84 -37.81
CA ALA C 75 0.04 -4.42 -38.03
C ALA C 75 -0.12 -3.69 -36.71
N ALA C 76 0.58 -2.55 -36.58
CA ALA C 76 0.43 -1.72 -35.39
C ALA C 76 -1.03 -1.35 -35.16
N SER C 77 -1.77 -1.11 -36.24
CA SER C 77 -3.16 -0.68 -36.09
C SER C 77 -4.01 -1.70 -35.31
N GLU C 78 -3.72 -3.00 -35.47
CA GLU C 78 -4.51 -4.00 -34.76
C GLU C 78 -4.27 -3.91 -33.26
N CYS C 79 -3.03 -3.71 -32.86
CA CYS C 79 -2.70 -3.56 -31.46
C CYS C 79 -3.32 -2.27 -30.91
N MET C 80 -3.18 -1.16 -31.65
CA MET C 80 -3.82 0.08 -31.26
C MET C 80 -5.33 -0.08 -31.09
N GLN C 81 -5.98 -0.82 -31.98
CA GLN C 81 -7.42 -1.02 -31.83
C GLN C 81 -7.75 -1.80 -30.56
N ASP C 82 -6.89 -2.78 -30.19
CA ASP C 82 -7.15 -3.52 -28.96
C ASP C 82 -7.05 -2.60 -27.74
N PHE C 83 -6.03 -1.75 -27.67
CA PHE C 83 -5.97 -0.76 -26.59
C PHE C 83 -7.23 0.09 -26.58
N ASN C 84 -7.63 0.58 -27.75
CA ASN C 84 -8.83 1.42 -27.83
C ASN C 84 -10.06 0.68 -27.30
N THR C 85 -10.22 -0.59 -27.70
CA THR C 85 -11.38 -1.35 -27.24
C THR C 85 -11.37 -1.50 -25.72
N MET C 86 -10.20 -1.81 -25.16
CA MET C 86 -10.06 -1.90 -23.71
C MET C 86 -10.55 -0.62 -23.02
N PHE C 87 -10.07 0.54 -23.48
CA PHE C 87 -10.47 1.79 -22.82
C PHE C 87 -11.94 2.09 -23.07
N THR C 88 -12.39 1.91 -24.30
CA THR C 88 -13.78 2.21 -24.63
C THR C 88 -14.74 1.35 -23.82
N ASN C 89 -14.43 0.05 -23.68
CA ASN C 89 -15.28 -0.80 -22.86
C ASN C 89 -15.41 -0.24 -21.46
N CYS C 90 -14.29 0.25 -20.92
CA CYS C 90 -14.29 0.81 -19.58
C CYS C 90 -15.22 2.02 -19.47
N TYR C 91 -15.14 2.94 -20.45
CA TYR C 91 -15.97 4.13 -20.37
C TYR C 91 -17.44 3.81 -20.58
N ILE C 92 -17.75 2.82 -21.41
CA ILE C 92 -19.14 2.48 -21.68
C ILE C 92 -19.76 1.81 -20.47
N TYR C 93 -19.03 0.86 -19.86
CA TYR C 93 -19.64 0.06 -18.82
C TYR C 93 -19.76 0.79 -17.49
N ASN C 94 -18.72 1.52 -17.09
CA ASN C 94 -18.67 2.05 -15.73
C ASN C 94 -19.39 3.40 -15.61
N LYS C 95 -19.63 3.82 -14.37
CA LYS C 95 -20.25 5.11 -14.08
C LYS C 95 -19.23 6.22 -14.27
N PRO C 96 -19.65 7.39 -14.74
CA PRO C 96 -18.69 8.47 -15.04
C PRO C 96 -17.79 8.83 -13.87
N THR C 97 -18.30 8.75 -12.65
CA THR C 97 -17.55 9.16 -11.47
C THR C 97 -16.72 8.04 -10.86
N ASP C 98 -16.76 6.83 -11.44
CA ASP C 98 -15.99 5.72 -10.91
C ASP C 98 -14.48 5.97 -11.03
N ASP C 99 -13.72 5.49 -10.04
CA ASP C 99 -12.26 5.57 -10.07
C ASP C 99 -11.70 5.05 -11.39
N ILE C 100 -12.24 3.92 -11.87
CA ILE C 100 -11.68 3.27 -13.06
C ILE C 100 -11.74 4.18 -14.28
N VAL C 101 -12.73 5.06 -14.37
CA VAL C 101 -12.84 5.94 -15.54
C VAL C 101 -11.67 6.93 -15.58
N LEU C 102 -11.36 7.55 -14.44
CA LEU C 102 -10.22 8.45 -14.39
C LEU C 102 -8.92 7.70 -14.64
N MET C 103 -8.82 6.46 -14.15
CA MET C 103 -7.62 5.67 -14.39
C MET C 103 -7.45 5.39 -15.88
N ALA C 104 -8.54 4.99 -16.53
CA ALA C 104 -8.52 4.76 -17.98
C ALA C 104 -8.12 6.04 -18.71
N GLN C 105 -8.72 7.18 -18.33
CA GLN C 105 -8.41 8.42 -19.03
C GLN C 105 -6.92 8.75 -18.95
N THR C 106 -6.32 8.49 -17.79
CA THR C 106 -4.90 8.81 -17.60
C THR C 106 -4.02 7.91 -18.45
N LEU C 107 -4.31 6.60 -18.43
CA LEU C 107 -3.54 5.66 -19.23
C LEU C 107 -3.73 5.93 -20.72
N GLU C 108 -4.95 6.25 -21.14
CA GLU C 108 -5.17 6.41 -22.57
C GLU C 108 -4.45 7.65 -23.10
N LYS C 109 -4.38 8.72 -22.30
CA LYS C 109 -3.62 9.88 -22.73
C LYS C 109 -2.15 9.56 -22.93
N ILE C 110 -1.58 8.73 -22.05
CA ILE C 110 -0.18 8.29 -22.22
C ILE C 110 -0.04 7.45 -23.49
N PHE C 111 -0.96 6.50 -23.69
CA PHE C 111 -0.96 5.68 -24.89
C PHE C 111 -0.94 6.55 -26.14
N LEU C 112 -1.82 7.55 -26.21
CA LEU C 112 -1.88 8.35 -27.42
C LEU C 112 -0.63 9.18 -27.62
N GLN C 113 -0.09 9.73 -26.53
CA GLN C 113 1.12 10.52 -26.63
C GLN C 113 2.26 9.67 -27.19
N LYS C 114 2.39 8.43 -26.69
CA LYS C 114 3.45 7.57 -27.21
C LYS C 114 3.18 7.15 -28.65
N VAL C 115 1.93 6.91 -29.02
CA VAL C 115 1.63 6.54 -30.40
C VAL C 115 2.02 7.65 -31.35
N ALA C 116 1.88 8.90 -30.91
CA ALA C 116 2.22 10.03 -31.77
C ALA C 116 3.69 10.00 -32.19
N SER C 117 4.55 9.29 -31.44
CA SER C 117 5.97 9.19 -31.73
C SER C 117 6.37 7.85 -32.31
N MET C 118 5.41 7.00 -32.66
CA MET C 118 5.72 5.69 -33.20
C MET C 118 6.44 5.83 -34.54
N PRO C 119 7.41 4.98 -34.85
CA PRO C 119 8.04 5.00 -36.17
C PRO C 119 7.02 4.77 -37.28
N GLN C 120 7.35 5.22 -38.48
CA GLN C 120 6.44 5.11 -39.62
C GLN C 120 6.16 3.66 -40.03
#